data_7G8I
#
_entry.id   7G8I
#
_cell.length_a   70.966
_cell.length_b   70.966
_cell.length_c   195.747
_cell.angle_alpha   90.000
_cell.angle_beta   90.000
_cell.angle_gamma   90.000
#
_symmetry.space_group_name_H-M   'P 43 21 2'
#
loop_
_entity.id
_entity.type
_entity.pdbx_description
1 polymer 'Transforming protein RhoA'
2 polymer 'Rho guanine nucleotide exchange factor 2'
3 non-polymer 4,4-difluorocyclohexane-1-carboxamide
4 non-polymer 'DIMETHYL SULFOXIDE'
5 non-polymer 'FORMIC ACID'
6 water water
#
loop_
_entity_poly.entity_id
_entity_poly.type
_entity_poly.pdbx_seq_one_letter_code
_entity_poly.pdbx_strand_id
1 'polypeptide(L)'
;SMAAIRKKLVIVGDGACGKTCLLIVFSKDQFPEVYVPTVFENYVADIEVDGKQVELALWDTAGQEDYDRLRPLSYPDTDV
ILMCFSIDSPDSLENIPEKWTPEVKHFCPNVPIILVGNKKDLRNDEHTRRELAKMKQEPVKPEEGRDMANRIGAFGYMEC
SAKTKDGVREVFEMATRAALQARRG
;
A
2 'polypeptide(L)'
;SMEMDEKDFAADSWSLAVDSSFLQQHKKEVMKQQDVIYELIQTELHHVRTLKIMTRLFRTGMLEELHLEPGVVQGLFPCV
DELSDIHTRFLSQLLERRRQALCPGSTRNFVIHRLGDLLISQFSGPSAEQMCKTYSEFCSRHSKALKLYKELYARDKRFQ
QFIRKVTRPAVLKRHGVQECILLVTQRITKYPLLISRILQHSHGIEEERQDLTTALGLVKELLSNVDEGIYQLEKGARLQ
EIYNR
;
B
#
# COMPACT_ATOMS: atom_id res chain seq x y z
N ALA A 4 -6.22 24.56 -6.02
CA ALA A 4 -5.93 23.13 -6.10
C ALA A 4 -6.51 22.36 -4.90
N ILE A 5 -7.82 22.11 -4.95
CA ILE A 5 -8.54 21.37 -3.92
C ILE A 5 -7.98 19.94 -3.74
N ARG A 6 -7.94 19.41 -2.50
CA ARG A 6 -7.42 18.07 -2.27
C ARG A 6 -8.60 17.09 -2.07
N LYS A 7 -8.55 15.94 -2.76
CA LYS A 7 -9.58 14.91 -2.72
C LYS A 7 -8.97 13.52 -2.51
N LYS A 8 -9.70 12.58 -1.91
CA LYS A 8 -9.17 11.23 -1.63
C LYS A 8 -9.89 10.13 -2.42
N LEU A 9 -9.11 9.24 -3.03
CA LEU A 9 -9.63 8.11 -3.80
C LEU A 9 -9.23 6.79 -3.12
N VAL A 10 -10.15 5.83 -3.02
CA VAL A 10 -9.85 4.51 -2.48
C VAL A 10 -10.32 3.46 -3.45
N ILE A 11 -9.46 2.49 -3.79
CA ILE A 11 -9.83 1.42 -4.70
CA ILE A 11 -9.86 1.40 -4.69
C ILE A 11 -10.10 0.14 -3.89
N VAL A 12 -11.28 -0.43 -4.09
CA VAL A 12 -11.69 -1.64 -3.39
CA VAL A 12 -11.74 -1.61 -3.39
C VAL A 12 -11.98 -2.75 -4.39
N GLY A 13 -11.98 -4.00 -3.93
CA GLY A 13 -12.21 -5.15 -4.78
C GLY A 13 -11.47 -6.39 -4.32
N ASP A 14 -11.75 -7.56 -4.93
CA ASP A 14 -11.11 -8.80 -4.56
C ASP A 14 -9.59 -8.79 -4.83
N GLY A 15 -8.87 -9.80 -4.33
CA GLY A 15 -7.43 -9.91 -4.49
C GLY A 15 -6.84 -9.88 -5.90
N ALA A 16 -7.47 -10.54 -6.87
CA ALA A 16 -6.91 -10.56 -8.23
C ALA A 16 -7.74 -9.72 -9.21
N CYS A 17 -8.32 -8.62 -8.73
CA CYS A 17 -9.12 -7.75 -9.58
C CYS A 17 -8.27 -6.73 -10.37
N GLY A 18 -6.95 -6.69 -10.14
CA GLY A 18 -6.01 -5.79 -10.82
C GLY A 18 -5.97 -4.34 -10.36
N LYS A 19 -6.37 -4.06 -9.11
CA LYS A 19 -6.38 -2.69 -8.61
CA LYS A 19 -6.38 -2.69 -8.60
C LYS A 19 -5.00 -2.12 -8.32
N THR A 20 -4.03 -2.99 -7.95
CA THR A 20 -2.69 -2.52 -7.67
C THR A 20 -2.03 -2.09 -8.98
N CYS A 21 -2.11 -2.92 -10.02
CA CYS A 21 -1.58 -2.61 -11.34
C CYS A 21 -2.15 -1.29 -11.88
N LEU A 22 -3.47 -1.07 -11.70
CA LEU A 22 -4.15 0.13 -12.19
C LEU A 22 -3.59 1.41 -11.56
N LEU A 23 -3.39 1.41 -10.25
CA LEU A 23 -2.84 2.57 -9.56
C LEU A 23 -1.39 2.83 -10.00
N ILE A 24 -0.58 1.75 -10.11
CA ILE A 24 0.83 1.84 -10.51
C ILE A 24 0.95 2.43 -11.92
N VAL A 25 0.15 1.93 -12.86
CA VAL A 25 0.15 2.36 -14.26
C VAL A 25 -0.32 3.81 -14.39
N PHE A 26 -1.29 4.21 -13.57
CA PHE A 26 -1.75 5.60 -13.60
C PHE A 26 -0.68 6.51 -12.98
N SER A 27 -0.10 6.13 -11.85
CA SER A 27 0.87 6.97 -11.16
C SER A 27 2.25 7.03 -11.81
N LYS A 28 2.61 6.05 -12.66
CA LYS A 28 3.89 6.07 -13.36
C LYS A 28 3.71 6.64 -14.77
N ASP A 29 2.61 6.22 -15.46
CA ASP A 29 2.21 6.53 -16.83
C ASP A 29 3.15 5.83 -17.84
N GLN A 30 4.48 6.07 -17.73
CA GLN A 30 5.53 5.40 -18.50
C GLN A 30 5.59 3.97 -17.96
N PHE A 31 4.97 3.03 -18.70
CA PHE A 31 4.79 1.60 -18.40
C PHE A 31 5.97 0.89 -17.70
N PRO A 32 5.71 0.05 -16.67
CA PRO A 32 6.81 -0.69 -16.04
C PRO A 32 7.24 -1.86 -16.91
N GLU A 33 8.17 -1.61 -17.82
CA GLU A 33 8.68 -2.63 -18.74
C GLU A 33 9.65 -3.60 -18.08
N VAL A 34 10.37 -3.14 -17.07
CA VAL A 34 11.39 -3.96 -16.42
C VAL A 34 10.85 -4.68 -15.17
N TYR A 35 10.10 -3.98 -14.32
CA TYR A 35 9.59 -4.58 -13.10
C TYR A 35 8.30 -3.93 -12.64
N VAL A 36 7.25 -4.74 -12.47
CA VAL A 36 5.98 -4.25 -11.96
C VAL A 36 6.02 -4.50 -10.46
N PRO A 37 5.91 -3.45 -9.65
CA PRO A 37 5.97 -3.63 -8.19
C PRO A 37 4.82 -4.44 -7.59
N THR A 38 5.08 -5.14 -6.50
CA THR A 38 4.10 -5.94 -5.77
C THR A 38 3.10 -5.06 -5.03
N VAL A 39 3.58 -4.00 -4.36
CA VAL A 39 2.72 -3.14 -3.56
C VAL A 39 2.70 -1.70 -4.05
N PHE A 40 1.64 -0.96 -3.66
CA PHE A 40 1.47 0.45 -3.93
C PHE A 40 1.40 1.14 -2.55
N GLU A 41 2.26 2.14 -2.28
CA GLU A 41 2.24 2.81 -0.97
C GLU A 41 1.10 3.84 -0.93
N ASN A 42 1.24 4.93 -1.70
CA ASN A 42 0.27 6.00 -1.91
C ASN A 42 0.83 6.96 -2.97
N TYR A 43 -0.02 7.83 -3.48
CA TYR A 43 0.38 8.79 -4.51
C TYR A 43 -0.56 9.95 -4.49
N VAL A 44 -0.09 11.15 -4.86
CA VAL A 44 -0.92 12.34 -4.95
C VAL A 44 -0.81 12.84 -6.39
N ALA A 45 -1.87 12.66 -7.17
CA ALA A 45 -1.85 13.03 -8.58
C ALA A 45 -2.38 14.43 -8.80
N ASP A 46 -1.74 15.20 -9.68
CA ASP A 46 -2.24 16.53 -10.02
C ASP A 46 -3.05 16.35 -11.26
N ILE A 47 -4.37 16.51 -11.13
CA ILE A 47 -5.29 16.30 -12.21
C ILE A 47 -6.04 17.59 -12.51
N GLU A 48 -6.13 17.95 -13.78
CA GLU A 48 -6.91 19.11 -14.17
C GLU A 48 -8.04 18.57 -15.02
N VAL A 49 -9.24 18.48 -14.46
CA VAL A 49 -10.38 17.96 -15.20
C VAL A 49 -11.44 19.06 -15.34
N ASP A 50 -11.90 19.29 -16.59
CA ASP A 50 -12.89 20.30 -16.94
C ASP A 50 -12.51 21.71 -16.47
N GLY A 51 -11.22 22.02 -16.47
CA GLY A 51 -10.73 23.33 -16.07
C GLY A 51 -10.67 23.59 -14.58
N LYS A 52 -10.73 22.54 -13.77
CA LYS A 52 -10.63 22.63 -12.32
C LYS A 52 -9.38 21.86 -11.91
N GLN A 53 -8.58 22.39 -10.98
CA GLN A 53 -7.37 21.69 -10.56
C GLN A 53 -7.52 21.00 -9.21
N VAL A 54 -7.22 19.69 -9.18
CA VAL A 54 -7.37 18.83 -8.01
C VAL A 54 -6.11 18.05 -7.70
N GLU A 55 -5.82 17.87 -6.40
CA GLU A 55 -4.74 17.06 -5.88
C GLU A 55 -5.46 15.78 -5.42
N LEU A 56 -5.30 14.68 -6.16
CA LEU A 56 -6.00 13.43 -5.89
C LEU A 56 -5.12 12.35 -5.21
N ALA A 57 -5.32 12.13 -3.90
CA ALA A 57 -4.59 11.10 -3.15
C ALA A 57 -5.14 9.72 -3.50
N LEU A 58 -4.27 8.79 -3.87
CA LEU A 58 -4.66 7.46 -4.30
C LEU A 58 -4.31 6.40 -3.26
N TRP A 59 -5.29 5.56 -2.89
CA TRP A 59 -5.04 4.51 -1.91
C TRP A 59 -5.57 3.18 -2.40
N ASP A 60 -4.92 2.13 -1.95
CA ASP A 60 -5.22 0.75 -2.31
C ASP A 60 -5.62 -0.01 -1.04
N THR A 61 -6.53 -0.97 -1.16
CA THR A 61 -6.92 -1.82 -0.04
C THR A 61 -6.32 -3.24 -0.17
N ALA A 62 -5.29 -3.44 -1.04
CA ALA A 62 -4.69 -4.75 -1.25
C ALA A 62 -3.96 -5.18 -0.01
N GLY A 63 -4.16 -6.42 0.38
CA GLY A 63 -3.59 -6.97 1.59
C GLY A 63 -4.54 -6.92 2.78
N GLN A 64 -5.62 -6.11 2.67
CA GLN A 64 -6.61 -5.91 3.73
C GLN A 64 -7.89 -6.73 3.58
N GLU A 65 -8.04 -7.46 2.45
CA GLU A 65 -9.24 -8.22 2.10
C GLU A 65 -9.68 -9.23 3.15
N ASP A 66 -8.76 -9.75 3.98
CA ASP A 66 -9.13 -10.73 5.03
C ASP A 66 -9.20 -10.12 6.44
N TYR A 67 -8.91 -8.83 6.60
CA TYR A 67 -8.87 -8.21 7.92
C TYR A 67 -9.95 -7.16 8.03
N ASP A 68 -11.13 -7.61 8.45
CA ASP A 68 -12.35 -6.81 8.49
C ASP A 68 -12.32 -5.63 9.47
N ARG A 69 -11.36 -5.60 10.41
CA ARG A 69 -11.22 -4.49 11.35
C ARG A 69 -10.09 -3.51 10.95
N LEU A 70 -9.12 -3.96 10.16
CA LEU A 70 -8.03 -3.10 9.68
C LEU A 70 -8.51 -2.35 8.44
N ARG A 71 -9.19 -3.06 7.53
CA ARG A 71 -9.67 -2.52 6.27
C ARG A 71 -10.46 -1.22 6.39
N PRO A 72 -11.46 -1.11 7.29
CA PRO A 72 -12.20 0.15 7.39
C PRO A 72 -11.38 1.39 7.71
N LEU A 73 -10.16 1.22 8.27
CA LEU A 73 -9.29 2.37 8.54
C LEU A 73 -8.79 3.09 7.26
N SER A 74 -9.07 2.51 6.08
CA SER A 74 -8.73 3.09 4.79
C SER A 74 -9.81 4.09 4.37
N TYR A 75 -11.07 3.91 4.81
CA TYR A 75 -12.22 4.73 4.40
C TYR A 75 -12.33 6.17 4.92
N PRO A 76 -11.84 6.56 6.11
CA PRO A 76 -12.05 7.96 6.56
C PRO A 76 -11.73 9.07 5.55
N ASP A 77 -12.73 9.95 5.30
CA ASP A 77 -12.65 11.13 4.44
C ASP A 77 -12.52 10.82 2.94
N THR A 78 -12.93 9.62 2.51
CA THR A 78 -12.86 9.25 1.10
C THR A 78 -13.89 10.05 0.29
N ASP A 79 -13.51 10.56 -0.90
CA ASP A 79 -14.42 11.36 -1.72
C ASP A 79 -14.95 10.62 -2.95
N VAL A 80 -14.25 9.56 -3.40
CA VAL A 80 -14.68 8.71 -4.51
C VAL A 80 -14.16 7.29 -4.29
N ILE A 81 -14.98 6.30 -4.62
CA ILE A 81 -14.62 4.90 -4.47
C ILE A 81 -14.54 4.22 -5.82
N LEU A 82 -13.40 3.59 -6.14
CA LEU A 82 -13.34 2.80 -7.35
C LEU A 82 -13.63 1.37 -6.94
N MET A 83 -14.74 0.83 -7.39
CA MET A 83 -15.13 -0.55 -7.07
CA MET A 83 -15.11 -0.54 -7.07
C MET A 83 -14.71 -1.45 -8.24
N CYS A 84 -13.60 -2.17 -8.05
CA CYS A 84 -13.00 -2.99 -9.10
CA CYS A 84 -12.99 -2.98 -9.09
C CYS A 84 -13.38 -4.46 -9.10
N PHE A 85 -13.45 -5.01 -10.29
CA PHE A 85 -13.69 -6.42 -10.60
C PHE A 85 -12.87 -6.73 -11.85
N SER A 86 -12.55 -8.00 -12.05
CA SER A 86 -11.81 -8.42 -13.22
C SER A 86 -12.74 -8.96 -14.27
N ILE A 87 -12.58 -8.57 -15.54
CA ILE A 87 -13.44 -9.06 -16.62
C ILE A 87 -13.21 -10.59 -16.90
N ASP A 88 -12.03 -11.11 -16.54
CA ASP A 88 -11.76 -12.55 -16.68
C ASP A 88 -12.19 -13.35 -15.42
N SER A 89 -12.97 -12.74 -14.53
CA SER A 89 -13.42 -13.39 -13.30
C SER A 89 -14.87 -13.04 -12.98
N PRO A 90 -15.84 -13.75 -13.58
CA PRO A 90 -17.25 -13.50 -13.27
C PRO A 90 -17.60 -13.65 -11.78
N ASP A 91 -16.81 -14.40 -11.01
CA ASP A 91 -17.05 -14.55 -9.58
C ASP A 91 -16.72 -13.28 -8.81
N SER A 92 -15.68 -12.53 -9.23
CA SER A 92 -15.36 -11.27 -8.56
C SER A 92 -16.48 -10.21 -8.74
N LEU A 93 -17.31 -10.36 -9.80
CA LEU A 93 -18.44 -9.48 -10.08
C LEU A 93 -19.61 -9.83 -9.16
N GLU A 94 -19.83 -11.13 -8.90
CA GLU A 94 -20.92 -11.54 -8.01
C GLU A 94 -20.62 -11.19 -6.53
N ASN A 95 -19.36 -10.89 -6.18
CA ASN A 95 -18.99 -10.45 -4.83
C ASN A 95 -19.20 -8.91 -4.64
N ILE A 96 -19.40 -8.16 -5.73
CA ILE A 96 -19.64 -6.73 -5.67
C ILE A 96 -20.90 -6.38 -4.86
N PRO A 97 -22.11 -6.94 -5.16
CA PRO A 97 -23.29 -6.58 -4.35
C PRO A 97 -23.36 -7.25 -2.99
N GLU A 98 -22.78 -8.44 -2.87
CA GLU A 98 -22.84 -9.22 -1.65
C GLU A 98 -21.82 -8.80 -0.60
N LYS A 99 -20.59 -8.47 -1.03
CA LYS A 99 -19.55 -8.14 -0.06
C LYS A 99 -19.10 -6.68 -0.01
N TRP A 100 -18.72 -6.06 -1.14
CA TRP A 100 -18.14 -4.73 -1.11
C TRP A 100 -19.11 -3.57 -1.00
N THR A 101 -20.27 -3.66 -1.66
CA THR A 101 -21.25 -2.58 -1.61
C THR A 101 -21.84 -2.36 -0.20
N PRO A 102 -22.29 -3.40 0.57
CA PRO A 102 -22.82 -3.11 1.92
C PRO A 102 -21.79 -2.47 2.85
N GLU A 103 -20.51 -2.79 2.65
CA GLU A 103 -19.42 -2.25 3.44
C GLU A 103 -19.05 -0.82 3.01
N VAL A 104 -18.95 -0.56 1.69
CA VAL A 104 -18.59 0.78 1.19
C VAL A 104 -19.71 1.79 1.50
N LYS A 105 -20.97 1.36 1.47
CA LYS A 105 -22.09 2.25 1.80
C LYS A 105 -22.25 2.46 3.31
N HIS A 106 -21.71 1.56 4.15
CA HIS A 106 -21.82 1.67 5.60
C HIS A 106 -20.81 2.70 6.10
N PHE A 107 -19.55 2.55 5.70
CA PHE A 107 -18.49 3.46 6.11
C PHE A 107 -18.45 4.73 5.28
N CYS A 108 -18.89 4.67 4.01
CA CYS A 108 -18.81 5.84 3.12
C CYS A 108 -20.18 6.21 2.53
N PRO A 109 -21.15 6.66 3.35
CA PRO A 109 -22.46 7.04 2.78
C PRO A 109 -22.34 8.33 1.97
N ASN A 110 -23.14 8.44 0.91
CA ASN A 110 -23.13 9.61 0.03
C ASN A 110 -21.85 9.79 -0.82
N VAL A 111 -20.85 8.89 -0.65
CA VAL A 111 -19.64 8.92 -1.44
C VAL A 111 -19.88 8.23 -2.79
N PRO A 112 -19.65 8.93 -3.92
CA PRO A 112 -19.85 8.28 -5.23
C PRO A 112 -19.02 7.02 -5.44
N ILE A 113 -19.63 6.01 -6.06
CA ILE A 113 -18.97 4.75 -6.36
C ILE A 113 -18.91 4.59 -7.87
N ILE A 114 -17.73 4.31 -8.42
CA ILE A 114 -17.61 4.04 -9.84
C ILE A 114 -17.22 2.57 -9.99
N LEU A 115 -18.03 1.77 -10.69
CA LEU A 115 -17.73 0.36 -10.91
C LEU A 115 -16.78 0.25 -12.10
N VAL A 116 -15.58 -0.32 -11.89
CA VAL A 116 -14.59 -0.42 -12.96
C VAL A 116 -14.25 -1.87 -13.31
N GLY A 117 -14.54 -2.25 -14.54
CA GLY A 117 -14.17 -3.56 -15.04
C GLY A 117 -12.75 -3.51 -15.55
N ASN A 118 -11.80 -4.10 -14.80
CA ASN A 118 -10.38 -4.13 -15.14
CA ASN A 118 -10.40 -4.09 -15.23
C ASN A 118 -10.07 -5.30 -16.12
N LYS A 119 -8.88 -5.30 -16.74
CA LYS A 119 -8.41 -6.36 -17.63
C LYS A 119 -9.31 -6.65 -18.84
N LYS A 120 -9.89 -5.61 -19.47
CA LYS A 120 -10.78 -5.83 -20.63
C LYS A 120 -10.09 -6.48 -21.83
N ASP A 121 -8.75 -6.39 -21.91
CA ASP A 121 -7.92 -7.02 -22.94
C ASP A 121 -8.09 -8.55 -22.95
N LEU A 122 -8.36 -9.14 -21.78
CA LEU A 122 -8.55 -10.58 -21.62
C LEU A 122 -9.84 -11.11 -22.27
N ARG A 123 -10.69 -10.25 -22.83
CA ARG A 123 -11.87 -10.69 -23.58
C ARG A 123 -11.43 -11.35 -24.89
N ASN A 124 -10.38 -10.81 -25.53
CA ASN A 124 -9.85 -11.35 -26.79
C ASN A 124 -8.75 -12.43 -26.58
N ASP A 125 -8.35 -12.68 -25.32
CA ASP A 125 -7.33 -13.66 -24.95
C ASP A 125 -7.93 -15.06 -25.06
N GLU A 126 -7.42 -15.87 -26.01
CA GLU A 126 -7.98 -17.20 -26.23
C GLU A 126 -7.74 -18.13 -25.06
N HIS A 127 -6.61 -17.96 -24.35
CA HIS A 127 -6.29 -18.75 -23.15
C HIS A 127 -7.25 -18.44 -22.01
N THR A 128 -7.61 -17.17 -21.86
CA THR A 128 -8.55 -16.78 -20.81
C THR A 128 -9.93 -17.35 -21.12
N ARG A 129 -10.35 -17.28 -22.39
CA ARG A 129 -11.64 -17.82 -22.82
C ARG A 129 -11.69 -19.33 -22.64
N ARG A 130 -10.58 -20.02 -22.92
CA ARG A 130 -10.42 -21.46 -22.78
C ARG A 130 -10.52 -21.90 -21.30
N GLU A 131 -9.82 -21.20 -20.39
CA GLU A 131 -9.83 -21.53 -18.98
C GLU A 131 -11.21 -21.33 -18.36
N LEU A 132 -11.91 -20.27 -18.76
CA LEU A 132 -13.24 -19.98 -18.25
C LEU A 132 -14.25 -20.99 -18.78
N ALA A 133 -14.12 -21.39 -20.06
CA ALA A 133 -14.98 -22.39 -20.70
C ALA A 133 -14.93 -23.74 -19.98
N LYS A 134 -13.75 -24.09 -19.40
CA LYS A 134 -13.59 -25.32 -18.65
C LYS A 134 -14.44 -25.31 -17.38
N MET A 135 -14.61 -24.13 -16.76
CA MET A 135 -15.43 -23.97 -15.56
C MET A 135 -16.90 -23.60 -15.87
N LYS A 136 -17.37 -23.92 -17.09
CA LYS A 136 -18.74 -23.63 -17.56
C LYS A 136 -19.00 -22.12 -17.48
N GLN A 137 -18.02 -21.29 -17.93
CA GLN A 137 -18.13 -19.83 -17.82
C GLN A 137 -17.59 -19.04 -19.06
N GLU A 138 -17.84 -17.72 -19.06
CA GLU A 138 -17.41 -16.79 -20.12
C GLU A 138 -16.90 -15.49 -19.48
N PRO A 139 -16.07 -14.67 -20.18
CA PRO A 139 -15.65 -13.39 -19.61
C PRO A 139 -16.81 -12.42 -19.45
N VAL A 140 -16.75 -11.54 -18.44
CA VAL A 140 -17.80 -10.56 -18.16
C VAL A 140 -18.14 -9.70 -19.37
N LYS A 141 -19.42 -9.69 -19.76
CA LYS A 141 -19.92 -8.93 -20.90
C LYS A 141 -20.18 -7.47 -20.50
N PRO A 142 -20.01 -6.50 -21.42
CA PRO A 142 -20.22 -5.09 -21.05
C PRO A 142 -21.59 -4.80 -20.40
N GLU A 143 -22.68 -5.39 -20.94
CA GLU A 143 -24.02 -5.19 -20.38
C GLU A 143 -24.14 -5.79 -18.96
N GLU A 144 -23.36 -6.84 -18.64
CA GLU A 144 -23.38 -7.40 -17.29
C GLU A 144 -22.79 -6.42 -16.28
N GLY A 145 -21.74 -5.71 -16.68
CA GLY A 145 -21.11 -4.68 -15.87
C GLY A 145 -22.07 -3.52 -15.68
N ARG A 146 -22.70 -3.06 -16.77
CA ARG A 146 -23.67 -1.97 -16.68
C ARG A 146 -24.86 -2.35 -15.80
N ASP A 147 -25.35 -3.61 -15.89
CA ASP A 147 -26.46 -4.07 -15.05
C ASP A 147 -26.10 -4.12 -13.58
N MET A 148 -24.86 -4.51 -13.25
CA MET A 148 -24.42 -4.52 -11.87
C MET A 148 -24.32 -3.09 -11.34
N ALA A 149 -23.73 -2.19 -12.11
CA ALA A 149 -23.60 -0.79 -11.71
C ALA A 149 -24.97 -0.12 -11.49
N ASN A 150 -26.00 -0.56 -12.24
CA ASN A 150 -27.34 -0.04 -12.10
C ASN A 150 -27.94 -0.56 -10.78
N ARG A 151 -27.83 -1.88 -10.54
CA ARG A 151 -28.35 -2.54 -9.36
C ARG A 151 -27.69 -2.02 -8.05
N ILE A 152 -26.36 -1.79 -8.02
CA ILE A 152 -25.70 -1.30 -6.81
C ILE A 152 -25.84 0.24 -6.59
N GLY A 153 -26.50 0.94 -7.51
CA GLY A 153 -26.69 2.38 -7.41
C GLY A 153 -25.41 3.16 -7.68
N ALA A 154 -24.49 2.60 -8.47
CA ALA A 154 -23.22 3.26 -8.80
C ALA A 154 -23.41 4.58 -9.57
N PHE A 155 -22.50 5.52 -9.35
CA PHE A 155 -22.44 6.78 -10.07
C PHE A 155 -22.20 6.51 -11.59
N GLY A 156 -21.42 5.46 -11.89
CA GLY A 156 -21.17 5.06 -13.26
C GLY A 156 -20.43 3.75 -13.40
N TYR A 157 -20.34 3.23 -14.63
CA TYR A 157 -19.63 2.02 -15.02
C TYR A 157 -18.57 2.38 -16.06
N MET A 158 -17.35 1.88 -15.83
CA MET A 158 -16.22 2.15 -16.73
C MET A 158 -15.39 0.90 -16.91
N GLU A 159 -14.67 0.81 -18.03
CA GLU A 159 -13.79 -0.32 -18.31
C GLU A 159 -12.42 0.18 -18.66
N CYS A 160 -11.41 -0.61 -18.33
CA CYS A 160 -10.03 -0.24 -18.65
C CYS A 160 -9.12 -1.46 -18.78
N SER A 161 -7.88 -1.24 -19.15
CA SER A 161 -6.88 -2.28 -19.27
C SER A 161 -5.55 -1.71 -18.79
N ALA A 162 -5.10 -2.07 -17.58
CA ALA A 162 -3.79 -1.65 -17.06
C ALA A 162 -2.65 -2.09 -17.96
N LYS A 163 -2.81 -3.23 -18.66
CA LYS A 163 -1.77 -3.75 -19.55
C LYS A 163 -1.54 -2.85 -20.77
N THR A 164 -2.61 -2.47 -21.46
CA THR A 164 -2.48 -1.63 -22.65
C THR A 164 -2.67 -0.12 -22.35
N LYS A 165 -2.86 0.27 -21.07
CA LYS A 165 -3.14 1.64 -20.63
C LYS A 165 -4.48 2.19 -21.19
N ASP A 166 -5.25 1.37 -21.91
CA ASP A 166 -6.52 1.78 -22.51
C ASP A 166 -7.65 1.99 -21.49
N GLY A 167 -8.21 3.20 -21.47
CA GLY A 167 -9.28 3.57 -20.56
C GLY A 167 -8.82 4.05 -19.20
N VAL A 168 -7.52 3.89 -18.88
CA VAL A 168 -6.96 4.26 -17.60
C VAL A 168 -7.05 5.78 -17.29
N ARG A 169 -6.58 6.67 -18.20
CA ARG A 169 -6.68 8.13 -17.92
C ARG A 169 -8.13 8.57 -17.66
N GLU A 170 -9.07 8.11 -18.50
CA GLU A 170 -10.49 8.45 -18.40
C GLU A 170 -11.15 8.01 -17.07
N VAL A 171 -10.73 6.89 -16.49
CA VAL A 171 -11.26 6.44 -15.19
C VAL A 171 -10.88 7.44 -14.08
N PHE A 172 -9.60 7.85 -14.03
CA PHE A 172 -9.11 8.80 -13.03
C PHE A 172 -9.60 10.23 -13.26
N GLU A 173 -9.83 10.62 -14.51
CA GLU A 173 -10.40 11.96 -14.75
C GLU A 173 -11.86 11.97 -14.28
N MET A 174 -12.61 10.89 -14.57
CA MET A 174 -14.01 10.79 -14.17
C MET A 174 -14.13 10.67 -12.64
N ALA A 175 -13.20 9.95 -12.00
CA ALA A 175 -13.20 9.82 -10.54
C ALA A 175 -13.03 11.20 -9.88
N THR A 176 -12.21 12.07 -10.49
CA THR A 176 -11.95 13.42 -10.01
C THR A 176 -13.23 14.24 -10.12
N ARG A 177 -13.93 14.13 -11.24
CA ARG A 177 -15.21 14.80 -11.46
C ARG A 177 -16.23 14.31 -10.40
N ALA A 178 -16.34 12.99 -10.19
CA ALA A 178 -17.24 12.47 -9.15
C ALA A 178 -16.91 13.00 -7.77
N ALA A 179 -15.61 13.07 -7.41
CA ALA A 179 -15.14 13.60 -6.12
C ALA A 179 -15.48 15.09 -5.93
N LEU A 180 -15.53 15.87 -7.01
CA LEU A 180 -15.85 17.29 -6.94
C LEU A 180 -17.34 17.55 -6.65
N GLN A 181 -18.24 16.69 -7.14
CA GLN A 181 -19.67 16.87 -6.94
C GLN A 181 -20.04 16.89 -5.45
N ALA A 182 -20.77 17.94 -5.05
CA ALA A 182 -21.22 18.17 -3.68
C ALA A 182 -22.44 19.11 -3.72
N SER B 1 15.91 10.12 6.15
CA SER B 1 16.77 9.07 5.60
C SER B 1 18.18 9.57 5.22
N MET B 2 19.14 8.63 5.13
CA MET B 2 20.53 8.94 4.85
C MET B 2 20.89 8.69 3.40
N GLU B 3 21.62 9.65 2.79
CA GLU B 3 21.99 9.68 1.38
C GLU B 3 22.55 8.37 0.83
N MET B 4 23.39 7.69 1.63
CA MET B 4 24.00 6.40 1.27
CA MET B 4 23.99 6.39 1.28
C MET B 4 22.92 5.36 0.95
N ASP B 5 21.88 5.29 1.77
CA ASP B 5 20.79 4.34 1.59
C ASP B 5 19.83 4.74 0.48
N GLU B 6 19.50 6.05 0.37
CA GLU B 6 18.65 6.59 -0.69
C GLU B 6 19.23 6.25 -2.05
N LYS B 7 20.55 6.39 -2.26
CA LYS B 7 21.16 6.05 -3.53
C LYS B 7 21.10 4.56 -3.80
N ASP B 8 21.44 3.75 -2.79
CA ASP B 8 21.36 2.30 -2.94
C ASP B 8 19.97 1.81 -3.26
N PHE B 9 18.92 2.57 -2.92
CA PHE B 9 17.56 2.13 -3.21
C PHE B 9 16.79 3.09 -4.14
N ALA B 10 17.50 3.94 -4.90
CA ALA B 10 16.90 4.90 -5.83
C ALA B 10 16.30 4.26 -7.08
N ALA B 11 16.93 3.21 -7.62
CA ALA B 11 16.48 2.53 -8.83
C ALA B 11 15.10 1.89 -8.66
N ASP B 12 14.40 1.65 -9.78
CA ASP B 12 13.09 1.02 -9.72
C ASP B 12 13.16 -0.48 -9.39
N SER B 13 14.35 -1.12 -9.48
CA SER B 13 14.44 -2.55 -9.19
C SER B 13 15.88 -3.01 -8.93
N TRP B 14 16.07 -4.28 -8.49
CA TRP B 14 17.41 -4.81 -8.29
C TRP B 14 18.11 -4.91 -9.65
N SER B 15 17.40 -5.32 -10.72
CA SER B 15 17.99 -5.45 -12.06
C SER B 15 18.56 -4.13 -12.62
N LEU B 16 18.03 -3.00 -12.14
CA LEU B 16 18.48 -1.64 -12.51
C LEU B 16 19.48 -1.04 -11.49
N ALA B 17 19.48 -1.55 -10.24
CA ALA B 17 20.37 -1.03 -9.19
C ALA B 17 21.77 -1.55 -9.39
N VAL B 18 21.91 -2.82 -9.76
CA VAL B 18 23.21 -3.44 -9.99
C VAL B 18 23.75 -3.08 -11.36
N ASP B 19 25.08 -3.22 -11.55
CA ASP B 19 25.75 -2.98 -12.82
C ASP B 19 25.24 -3.99 -13.84
N SER B 20 25.09 -3.55 -15.09
CA SER B 20 24.58 -4.38 -16.19
C SER B 20 25.37 -5.67 -16.43
N SER B 21 26.70 -5.60 -16.33
CA SER B 21 27.54 -6.79 -16.50
C SER B 21 27.47 -7.76 -15.33
N PHE B 22 26.93 -7.34 -14.17
CA PHE B 22 26.75 -8.20 -13.00
C PHE B 22 25.42 -8.94 -13.15
N LEU B 23 24.35 -8.22 -13.56
CA LEU B 23 23.03 -8.79 -13.84
C LEU B 23 23.15 -9.94 -14.88
N GLN B 24 23.95 -9.69 -15.94
CA GLN B 24 24.21 -10.63 -17.04
C GLN B 24 24.81 -11.96 -16.61
N GLN B 25 25.41 -12.02 -15.42
CA GLN B 25 25.98 -13.27 -14.89
C GLN B 25 24.94 -14.11 -14.11
N HIS B 26 23.67 -13.67 -14.00
CA HIS B 26 22.69 -14.40 -13.19
C HIS B 26 21.53 -14.98 -13.97
N LYS B 27 20.94 -16.06 -13.42
CA LYS B 27 19.79 -16.71 -14.02
C LYS B 27 18.54 -15.86 -13.78
N LYS B 28 17.62 -15.83 -14.75
CA LYS B 28 16.38 -15.06 -14.70
C LYS B 28 15.59 -15.23 -13.40
N GLU B 29 15.49 -16.47 -12.90
CA GLU B 29 14.75 -16.76 -11.68
C GLU B 29 15.35 -16.06 -10.47
N VAL B 30 16.70 -15.89 -10.45
CA VAL B 30 17.45 -15.16 -9.40
C VAL B 30 17.11 -13.68 -9.48
N MET B 31 17.19 -13.07 -10.68
CA MET B 31 16.81 -11.68 -10.95
C MET B 31 15.38 -11.41 -10.49
N LYS B 32 14.45 -12.35 -10.76
CA LYS B 32 13.07 -12.19 -10.34
C LYS B 32 12.93 -12.16 -8.81
N GLN B 33 13.62 -13.05 -8.12
CA GLN B 33 13.60 -13.14 -6.66
C GLN B 33 14.22 -11.85 -6.05
N GLN B 34 15.39 -11.47 -6.58
CA GLN B 34 16.13 -10.31 -6.13
C GLN B 34 15.36 -9.03 -6.28
N ASP B 35 14.57 -8.91 -7.34
CA ASP B 35 13.72 -7.74 -7.55
C ASP B 35 12.69 -7.60 -6.43
N VAL B 36 12.06 -8.72 -6.01
CA VAL B 36 11.07 -8.67 -4.92
C VAL B 36 11.75 -8.43 -3.56
N ILE B 37 12.98 -8.98 -3.34
CA ILE B 37 13.68 -8.76 -2.08
C ILE B 37 14.05 -7.26 -1.96
N TYR B 38 14.57 -6.69 -3.06
CA TYR B 38 14.92 -5.28 -3.20
C TYR B 38 13.69 -4.41 -2.91
N GLU B 39 12.52 -4.80 -3.40
CA GLU B 39 11.29 -4.04 -3.13
C GLU B 39 10.93 -4.06 -1.64
N LEU B 40 11.10 -5.21 -0.97
CA LEU B 40 10.80 -5.31 0.46
C LEU B 40 11.69 -4.35 1.27
N ILE B 41 12.99 -4.32 0.98
CA ILE B 41 13.90 -3.42 1.67
C ILE B 41 13.61 -1.96 1.31
N GLN B 42 13.41 -1.66 0.01
CA GLN B 42 13.09 -0.31 -0.45
C GLN B 42 11.85 0.27 0.26
N THR B 43 10.78 -0.54 0.41
CA THR B 43 9.55 -0.08 1.08
C THR B 43 9.73 0.01 2.60
N GLU B 44 10.62 -0.81 3.19
CA GLU B 44 10.91 -0.69 4.62
C GLU B 44 11.65 0.63 4.91
N LEU B 45 12.51 1.07 3.96
CA LEU B 45 13.26 2.33 4.02
C LEU B 45 12.25 3.49 3.98
N HIS B 46 11.26 3.44 3.07
CA HIS B 46 10.23 4.49 2.99
C HIS B 46 9.36 4.45 4.25
N HIS B 47 9.06 3.25 4.78
CA HIS B 47 8.24 3.10 6.01
C HIS B 47 8.91 3.79 7.18
N VAL B 48 10.23 3.54 7.40
CA VAL B 48 11.03 4.14 8.47
C VAL B 48 11.15 5.65 8.25
N ARG B 49 11.32 6.09 7.00
CA ARG B 49 11.40 7.51 6.68
C ARG B 49 10.08 8.23 7.05
N THR B 50 8.92 7.61 6.79
CA THR B 50 7.59 8.11 7.18
C THR B 50 7.53 8.28 8.72
N LEU B 51 7.95 7.25 9.47
CA LEU B 51 7.96 7.33 10.94
C LEU B 51 8.90 8.44 11.46
N LYS B 52 10.02 8.72 10.77
CA LYS B 52 10.92 9.80 11.15
C LYS B 52 10.30 11.18 10.84
N ILE B 53 9.46 11.28 9.80
CA ILE B 53 8.77 12.52 9.48
C ILE B 53 7.75 12.79 10.61
N MET B 54 7.03 11.75 11.06
CA MET B 54 6.07 11.85 12.15
C MET B 54 6.71 12.21 13.46
N THR B 55 7.90 11.65 13.78
CA THR B 55 8.61 11.92 15.05
C THR B 55 9.41 13.24 15.07
N ARG B 56 10.33 13.43 14.11
CA ARG B 56 11.18 14.61 14.11
C ARG B 56 10.50 15.83 13.57
N LEU B 57 9.87 15.72 12.40
CA LEU B 57 9.27 16.89 11.77
C LEU B 57 7.91 17.29 12.36
N PHE B 58 6.94 16.39 12.39
CA PHE B 58 5.62 16.69 12.91
C PHE B 58 5.54 16.74 14.45
N ARG B 59 5.93 15.66 15.12
CA ARG B 59 5.82 15.55 16.58
C ARG B 59 6.73 16.50 17.35
N THR B 60 8.04 16.44 17.09
CA THR B 60 8.98 17.29 17.80
C THR B 60 8.80 18.76 17.41
N GLY B 61 8.47 19.02 16.14
CA GLY B 61 8.22 20.36 15.64
C GLY B 61 7.12 21.07 16.38
N MET B 62 6.05 20.34 16.68
CA MET B 62 4.89 20.87 17.42
C MET B 62 5.29 21.20 18.85
N LEU B 63 6.10 20.35 19.48
CA LEU B 63 6.53 20.56 20.86
C LEU B 63 7.46 21.74 20.97
N GLU B 64 8.36 21.92 20.00
CA GLU B 64 9.31 23.01 20.02
C GLU B 64 8.79 24.33 19.43
N GLU B 65 7.60 24.35 18.79
CA GLU B 65 7.10 25.59 18.19
C GLU B 65 5.68 26.00 18.60
N LEU B 66 4.89 25.09 19.17
CA LEU B 66 3.52 25.40 19.57
C LEU B 66 3.31 25.22 21.08
N HIS B 67 2.24 25.82 21.60
CA HIS B 67 1.89 25.71 23.01
C HIS B 67 0.81 24.64 23.18
N LEU B 68 1.00 23.49 22.53
CA LEU B 68 0.06 22.37 22.63
C LEU B 68 0.49 21.52 23.81
N GLU B 69 -0.49 21.10 24.62
CA GLU B 69 -0.24 20.22 25.77
C GLU B 69 0.33 18.89 25.26
N PRO B 70 1.29 18.25 25.97
CA PRO B 70 1.88 17.00 25.47
C PRO B 70 0.87 15.86 25.25
N GLY B 71 -0.27 15.92 25.92
N GLY B 71 -0.27 15.92 25.92
CA GLY B 71 -1.32 14.93 25.78
CA GLY B 71 -1.32 14.93 25.78
C GLY B 71 -1.96 14.97 24.41
C GLY B 71 -1.98 14.97 24.42
N VAL B 72 -2.06 16.18 23.83
CA VAL B 72 -2.61 16.42 22.51
C VAL B 72 -1.71 15.81 21.43
N VAL B 73 -0.40 15.99 21.56
CA VAL B 73 0.61 15.47 20.64
C VAL B 73 0.68 13.94 20.70
N GLN B 74 0.46 13.36 21.88
CA GLN B 74 0.41 11.92 22.10
C GLN B 74 -0.82 11.32 21.38
N GLY B 75 -1.92 12.07 21.33
CA GLY B 75 -3.14 11.66 20.66
C GLY B 75 -3.03 11.71 19.15
N LEU B 76 -2.20 12.63 18.64
CA LEU B 76 -1.92 12.84 17.21
C LEU B 76 -0.93 11.81 16.68
N PHE B 77 0.08 11.47 17.48
CA PHE B 77 1.10 10.51 17.05
C PHE B 77 1.23 9.37 18.05
N PRO B 78 0.23 8.49 18.12
CA PRO B 78 0.31 7.38 19.08
C PRO B 78 1.36 6.35 18.68
N CYS B 79 2.10 5.78 19.66
CA CYS B 79 3.11 4.72 19.49
C CYS B 79 4.18 4.99 18.41
N VAL B 80 4.47 6.24 18.06
CA VAL B 80 5.45 6.54 17.00
CA VAL B 80 5.43 6.53 17.00
C VAL B 80 6.91 6.26 17.41
N ASP B 81 7.31 6.53 18.68
CA ASP B 81 8.68 6.24 19.10
C ASP B 81 8.92 4.73 19.10
N GLU B 82 7.96 3.97 19.63
CA GLU B 82 8.01 2.52 19.71
CA GLU B 82 8.08 2.52 19.67
C GLU B 82 8.03 1.90 18.29
N LEU B 83 7.17 2.41 17.38
CA LEU B 83 7.12 1.92 15.98
C LEU B 83 8.45 2.25 15.27
N SER B 84 8.99 3.45 15.52
CA SER B 84 10.26 3.90 14.97
C SER B 84 11.38 2.97 15.39
N ASP B 85 11.37 2.53 16.66
CA ASP B 85 12.41 1.62 17.15
C ASP B 85 12.33 0.24 16.51
N ILE B 86 11.10 -0.33 16.39
CA ILE B 86 10.87 -1.66 15.80
C ILE B 86 11.35 -1.75 14.33
N HIS B 87 10.90 -0.81 13.49
CA HIS B 87 11.20 -0.80 12.07
C HIS B 87 12.62 -0.33 11.77
N THR B 88 13.22 0.56 12.59
CA THR B 88 14.61 0.98 12.37
C THR B 88 15.56 -0.17 12.65
N ARG B 89 15.24 -1.04 13.65
CA ARG B 89 16.05 -2.21 13.93
C ARG B 89 15.87 -3.25 12.81
N PHE B 90 14.66 -3.43 12.31
CA PHE B 90 14.37 -4.38 11.24
C PHE B 90 15.10 -3.94 9.96
N LEU B 91 15.06 -2.64 9.63
CA LEU B 91 15.73 -2.08 8.46
C LEU B 91 17.25 -2.26 8.58
N SER B 92 17.78 -2.10 9.80
CA SER B 92 19.21 -2.25 10.03
CA SER B 92 19.21 -2.25 10.03
C SER B 92 19.66 -3.68 9.71
N GLN B 93 18.87 -4.68 10.11
CA GLN B 93 19.18 -6.08 9.83
C GLN B 93 19.09 -6.41 8.33
N LEU B 94 18.13 -5.80 7.64
CA LEU B 94 17.96 -5.99 6.20
C LEU B 94 19.10 -5.35 5.40
N LEU B 95 19.49 -4.12 5.78
CA LEU B 95 20.57 -3.37 5.12
C LEU B 95 21.94 -4.00 5.32
N GLU B 96 22.14 -4.68 6.46
CA GLU B 96 23.38 -5.39 6.80
C GLU B 96 23.50 -6.69 6.01
N ARG B 97 22.36 -7.38 5.81
CA ARG B 97 22.32 -8.60 5.01
C ARG B 97 22.72 -8.26 3.54
N ARG B 98 22.28 -7.08 3.05
CA ARG B 98 22.63 -6.62 1.71
C ARG B 98 24.13 -6.26 1.62
N ARG B 99 24.66 -5.60 2.65
CA ARG B 99 26.06 -5.19 2.63
CA ARG B 99 26.06 -5.19 2.67
C ARG B 99 26.99 -6.39 2.73
N GLN B 100 26.64 -7.38 3.57
CA GLN B 100 27.43 -8.61 3.69
C GLN B 100 27.50 -9.35 2.34
N ALA B 101 26.48 -9.20 1.50
CA ALA B 101 26.34 -9.86 0.22
C ALA B 101 27.02 -9.12 -0.95
N LEU B 102 27.52 -7.89 -0.72
CA LEU B 102 28.19 -7.13 -1.77
C LEU B 102 29.48 -7.80 -2.20
N CYS B 103 29.81 -7.67 -3.47
CA CYS B 103 31.05 -8.18 -4.03
C CYS B 103 32.17 -7.23 -3.62
N PRO B 104 33.41 -7.72 -3.43
CA PRO B 104 34.53 -6.80 -3.17
C PRO B 104 34.73 -5.86 -4.36
N GLY B 105 35.07 -4.62 -4.09
CA GLY B 105 35.24 -3.62 -5.13
C GLY B 105 33.92 -3.06 -5.64
N SER B 106 32.79 -3.41 -4.99
CA SER B 106 31.49 -2.93 -5.40
C SER B 106 30.66 -2.45 -4.25
N THR B 107 29.90 -1.37 -4.48
CA THR B 107 28.93 -0.86 -3.51
C THR B 107 27.46 -1.07 -3.98
N ARG B 108 27.25 -1.68 -5.19
CA ARG B 108 25.96 -1.89 -5.86
C ARG B 108 25.61 -3.36 -6.12
N ASN B 109 26.61 -4.16 -6.54
CA ASN B 109 26.43 -5.56 -6.92
C ASN B 109 26.36 -6.50 -5.74
N PHE B 110 25.20 -7.16 -5.56
CA PHE B 110 24.93 -8.10 -4.49
C PHE B 110 23.81 -9.08 -4.89
N VAL B 111 23.72 -10.21 -4.18
CA VAL B 111 22.69 -11.23 -4.30
C VAL B 111 22.40 -11.72 -2.85
N ILE B 112 21.17 -11.56 -2.36
CA ILE B 112 20.80 -12.02 -1.02
C ILE B 112 20.19 -13.43 -1.13
N HIS B 113 20.97 -14.46 -0.75
CA HIS B 113 20.54 -15.87 -0.83
C HIS B 113 19.68 -16.31 0.37
N ARG B 114 19.87 -15.69 1.54
N ARG B 114 19.86 -15.68 1.53
CA ARG B 114 19.11 -16.06 2.74
CA ARG B 114 19.12 -16.04 2.74
C ARG B 114 18.34 -14.87 3.28
C ARG B 114 18.36 -14.85 3.28
N LEU B 115 17.03 -14.99 3.40
N LEU B 115 17.04 -14.98 3.40
CA LEU B 115 16.18 -13.92 3.91
CA LEU B 115 16.18 -13.92 3.91
C LEU B 115 15.21 -14.47 4.98
C LEU B 115 15.21 -14.47 4.98
N GLY B 116 14.71 -15.68 4.76
CA GLY B 116 13.78 -16.33 5.67
C GLY B 116 14.16 -16.34 7.13
N ASP B 117 15.45 -16.56 7.46
CA ASP B 117 15.90 -16.56 8.84
C ASP B 117 15.67 -15.21 9.51
N LEU B 118 16.00 -14.13 8.81
CA LEU B 118 15.82 -12.76 9.29
C LEU B 118 14.32 -12.45 9.45
N LEU B 119 13.49 -12.92 8.51
CA LEU B 119 12.06 -12.71 8.56
C LEU B 119 11.40 -13.52 9.69
N ILE B 120 11.96 -14.69 10.03
CA ILE B 120 11.43 -15.51 11.13
C ILE B 120 11.74 -14.84 12.46
N SER B 121 12.97 -14.29 12.62
CA SER B 121 13.36 -13.63 13.85
CA SER B 121 13.34 -13.64 13.86
C SER B 121 12.48 -12.41 14.15
N GLN B 122 12.22 -11.60 13.12
CA GLN B 122 11.40 -10.41 13.25
C GLN B 122 9.95 -10.75 13.63
N PHE B 123 9.37 -11.73 12.95
CA PHE B 123 7.97 -12.05 13.14
C PHE B 123 7.71 -13.22 14.12
N SER B 124 8.62 -13.45 15.06
CA SER B 124 8.44 -14.50 16.07
C SER B 124 9.02 -14.09 17.44
N GLY B 125 8.45 -14.66 18.50
CA GLY B 125 8.88 -14.40 19.86
C GLY B 125 8.67 -12.99 20.36
N PRO B 126 9.46 -12.56 21.35
CA PRO B 126 9.34 -11.19 21.87
C PRO B 126 9.23 -10.06 20.83
N SER B 127 9.99 -10.12 19.70
CA SER B 127 9.88 -9.06 18.70
C SER B 127 8.50 -9.02 18.02
N ALA B 128 7.88 -10.18 17.77
CA ALA B 128 6.54 -10.22 17.17
C ALA B 128 5.50 -9.74 18.17
N GLU B 129 5.66 -10.08 19.45
CA GLU B 129 4.73 -9.65 20.49
C GLU B 129 4.74 -8.14 20.65
N GLN B 130 5.90 -7.53 20.56
CA GLN B 130 6.03 -6.08 20.65
C GLN B 130 5.33 -5.41 19.45
N MET B 131 5.38 -6.00 18.22
CA MET B 131 4.70 -5.44 17.05
C MET B 131 3.19 -5.62 17.16
N CYS B 132 2.75 -6.79 17.65
CA CYS B 132 1.34 -7.07 17.79
C CYS B 132 0.67 -6.10 18.76
N LYS B 133 1.29 -5.86 19.92
CA LYS B 133 0.79 -4.93 20.92
C LYS B 133 0.87 -3.46 20.46
N THR B 134 1.94 -3.09 19.72
CA THR B 134 2.10 -1.72 19.24
C THR B 134 1.14 -1.43 18.08
N TYR B 135 0.91 -2.41 17.18
CA TYR B 135 0.01 -2.18 16.05
C TYR B 135 -1.46 -2.25 16.50
N SER B 136 -1.82 -3.14 17.47
CA SER B 136 -3.19 -3.15 18.02
C SER B 136 -3.46 -1.80 18.69
N GLU B 137 -2.46 -1.24 19.39
CA GLU B 137 -2.60 0.06 20.02
C GLU B 137 -2.73 1.16 18.95
N PHE B 138 -1.73 1.29 18.02
CA PHE B 138 -1.76 2.30 16.95
C PHE B 138 -3.11 2.36 16.19
N CYS B 139 -3.52 1.22 15.63
CA CYS B 139 -4.74 1.07 14.85
C CYS B 139 -6.04 1.34 15.64
N SER B 140 -6.02 1.18 16.97
CA SER B 140 -7.17 1.53 17.81
C SER B 140 -7.27 3.04 18.01
N ARG B 141 -6.12 3.74 18.04
CA ARG B 141 -6.06 5.19 18.18
C ARG B 141 -6.01 5.96 16.85
N HIS B 142 -5.95 5.23 15.72
CA HIS B 142 -5.86 5.76 14.37
C HIS B 142 -6.98 6.80 14.07
N SER B 143 -8.26 6.43 14.23
CA SER B 143 -9.36 7.37 13.97
CA SER B 143 -9.36 7.36 13.96
C SER B 143 -9.29 8.59 14.87
N LYS B 144 -9.06 8.40 16.17
CA LYS B 144 -8.96 9.50 17.14
C LYS B 144 -7.84 10.48 16.76
N ALA B 145 -6.77 10.00 16.09
CA ALA B 145 -5.67 10.86 15.65
C ALA B 145 -6.11 11.73 14.48
N LEU B 146 -6.90 11.18 13.55
CA LEU B 146 -7.42 11.92 12.39
C LEU B 146 -8.40 13.00 12.85
N LYS B 147 -9.27 12.68 13.80
CA LYS B 147 -10.25 13.66 14.29
C LYS B 147 -9.59 14.75 15.12
N LEU B 148 -8.57 14.41 15.90
CA LEU B 148 -7.83 15.40 16.66
C LEU B 148 -7.10 16.37 15.71
N TYR B 149 -6.51 15.85 14.62
CA TYR B 149 -5.83 16.65 13.60
C TYR B 149 -6.82 17.62 12.95
N LYS B 150 -7.94 17.09 12.40
CA LYS B 150 -8.97 17.87 11.74
C LYS B 150 -9.52 18.95 12.68
N GLU B 151 -9.75 18.60 13.96
CA GLU B 151 -10.25 19.56 14.93
C GLU B 151 -9.26 20.66 15.19
N LEU B 152 -7.97 20.32 15.43
CA LEU B 152 -6.92 21.30 15.69
C LEU B 152 -6.67 22.22 14.49
N TYR B 153 -6.67 21.67 13.26
CA TYR B 153 -6.40 22.43 12.05
C TYR B 153 -7.54 23.42 11.76
N ALA B 154 -8.78 22.98 11.96
CA ALA B 154 -9.93 23.84 11.71
C ALA B 154 -10.30 24.73 12.89
N ARG B 155 -9.45 24.85 13.93
CA ARG B 155 -9.77 25.69 15.08
CA ARG B 155 -9.76 25.68 15.09
C ARG B 155 -8.57 26.54 15.55
N ASP B 156 -7.33 26.09 15.26
CA ASP B 156 -6.11 26.80 15.65
C ASP B 156 -5.35 27.33 14.42
N LYS B 157 -5.20 28.68 14.34
CA LYS B 157 -4.47 29.34 13.25
C LYS B 157 -2.98 29.02 13.33
N ARG B 158 -2.44 28.93 14.55
CA ARG B 158 -1.02 28.62 14.77
C ARG B 158 -0.68 27.19 14.32
N PHE B 159 -1.61 26.26 14.47
CA PHE B 159 -1.44 24.87 14.05
C PHE B 159 -1.53 24.84 12.51
N GLN B 160 -2.52 25.53 11.92
CA GLN B 160 -2.70 25.63 10.47
C GLN B 160 -1.43 26.19 9.80
N GLN B 161 -0.86 27.24 10.40
CA GLN B 161 0.33 27.90 9.91
C GLN B 161 1.53 26.96 9.97
N PHE B 162 1.64 26.19 11.07
CA PHE B 162 2.69 25.22 11.28
C PHE B 162 2.62 24.13 10.22
N ILE B 163 1.43 23.55 10.03
CA ILE B 163 1.18 22.48 9.06
C ILE B 163 1.47 22.94 7.63
N ARG B 164 0.95 24.12 7.24
CA ARG B 164 1.24 24.67 5.90
C ARG B 164 2.73 24.88 5.68
N LYS B 165 3.43 25.33 6.74
CA LYS B 165 4.86 25.56 6.73
C LYS B 165 5.69 24.29 6.57
N VAL B 166 5.54 23.31 7.49
CA VAL B 166 6.39 22.10 7.45
C VAL B 166 6.10 21.20 6.26
N THR B 167 4.87 21.20 5.72
CA THR B 167 4.51 20.35 4.58
C THR B 167 4.72 21.03 3.20
N ARG B 168 5.20 22.27 3.17
CA ARG B 168 5.43 23.01 1.94
C ARG B 168 6.42 22.32 0.95
N PRO B 169 7.56 21.70 1.38
CA PRO B 169 8.45 21.04 0.41
C PRO B 169 7.79 20.00 -0.49
N ALA B 170 8.22 19.92 -1.76
CA ALA B 170 7.63 18.95 -2.70
C ALA B 170 7.82 17.51 -2.26
N VAL B 171 8.93 17.19 -1.58
CA VAL B 171 9.19 15.83 -1.13
C VAL B 171 8.17 15.34 -0.09
N LEU B 172 7.40 16.26 0.54
CA LEU B 172 6.38 15.86 1.52
C LEU B 172 4.96 15.95 0.97
N LYS B 173 4.80 15.85 -0.36
CA LYS B 173 3.50 15.94 -1.05
C LYS B 173 2.53 14.85 -0.61
N ARG B 174 2.98 13.59 -0.61
CA ARG B 174 2.15 12.47 -0.17
C ARG B 174 2.43 12.08 1.30
N HIS B 175 2.99 13.00 2.10
CA HIS B 175 3.37 12.69 3.46
C HIS B 175 2.83 13.64 4.52
N GLY B 176 1.60 14.13 4.35
CA GLY B 176 0.98 14.95 5.39
C GLY B 176 0.66 14.11 6.62
N VAL B 177 0.13 14.74 7.68
CA VAL B 177 -0.18 14.04 8.94
C VAL B 177 -1.09 12.81 8.75
N GLN B 178 -2.26 12.98 8.16
CA GLN B 178 -3.20 11.89 7.96
C GLN B 178 -2.68 10.83 7.00
N GLU B 179 -1.91 11.24 5.99
CA GLU B 179 -1.35 10.32 5.02
C GLU B 179 -0.31 9.45 5.71
N CYS B 180 0.55 10.02 6.59
CA CYS B 180 1.57 9.26 7.33
C CYS B 180 0.91 8.18 8.22
N ILE B 181 -0.17 8.56 8.92
CA ILE B 181 -0.93 7.70 9.80
C ILE B 181 -1.55 6.54 9.03
N LEU B 182 -2.02 6.79 7.78
CA LEU B 182 -2.57 5.71 6.99
C LEU B 182 -1.48 4.86 6.35
N LEU B 183 -0.35 5.44 5.99
CA LEU B 183 0.78 4.70 5.42
C LEU B 183 1.27 3.62 6.41
N VAL B 184 1.27 3.96 7.71
CA VAL B 184 1.75 3.13 8.81
C VAL B 184 0.78 1.99 9.11
N THR B 185 -0.52 2.26 9.16
CA THR B 185 -1.56 1.27 9.42
C THR B 185 -1.57 0.21 8.32
N GLN B 186 -1.38 0.65 7.05
CA GLN B 186 -1.39 -0.20 5.87
C GLN B 186 -0.11 -1.01 5.66
N ARG B 187 0.98 -0.69 6.37
CA ARG B 187 2.28 -1.34 6.19
C ARG B 187 2.27 -2.80 6.50
N ILE B 188 1.69 -3.17 7.64
CA ILE B 188 1.70 -4.55 8.09
C ILE B 188 1.01 -5.50 7.12
N THR B 189 -0.02 -5.02 6.41
CA THR B 189 -0.73 -5.85 5.43
C THR B 189 -0.01 -5.98 4.07
N LYS B 190 1.15 -5.29 3.87
CA LYS B 190 1.98 -5.40 2.67
C LYS B 190 2.92 -6.59 2.78
N TYR B 191 3.42 -6.91 3.99
CA TYR B 191 4.40 -7.99 4.17
C TYR B 191 3.97 -9.34 3.59
N PRO B 192 2.74 -9.85 3.81
CA PRO B 192 2.37 -11.15 3.22
C PRO B 192 2.41 -11.10 1.69
N LEU B 193 2.09 -9.94 1.09
CA LEU B 193 2.12 -9.77 -0.36
CA LEU B 193 2.12 -9.77 -0.36
C LEU B 193 3.55 -9.89 -0.90
N LEU B 194 4.50 -9.19 -0.28
CA LEU B 194 5.93 -9.21 -0.64
C LEU B 194 6.58 -10.57 -0.34
N ILE B 195 6.40 -11.13 0.88
CA ILE B 195 6.95 -12.43 1.26
C ILE B 195 6.43 -13.58 0.37
N SER B 196 5.17 -13.53 -0.13
CA SER B 196 4.64 -14.58 -0.99
CA SER B 196 4.65 -14.59 -0.99
CA SER B 196 4.64 -14.58 -1.00
C SER B 196 5.23 -14.52 -2.40
N ARG B 197 5.54 -13.30 -2.88
CA ARG B 197 6.10 -13.14 -4.22
C ARG B 197 7.60 -13.49 -4.21
N ILE B 198 8.32 -13.23 -3.07
CA ILE B 198 9.71 -13.63 -2.88
C ILE B 198 9.69 -15.18 -2.83
N LEU B 199 8.79 -15.76 -1.98
CA LEU B 199 8.63 -17.21 -1.84
C LEU B 199 8.37 -17.90 -3.18
N GLN B 200 7.56 -17.30 -4.03
CA GLN B 200 7.25 -17.83 -5.34
C GLN B 200 8.54 -18.10 -6.19
N HIS B 201 9.64 -17.35 -5.95
CA HIS B 201 10.89 -17.52 -6.69
C HIS B 201 12.06 -18.05 -5.82
N SER B 202 11.74 -18.76 -4.73
CA SER B 202 12.76 -19.30 -3.84
C SER B 202 12.61 -20.80 -3.66
N HIS B 203 12.32 -21.50 -4.75
CA HIS B 203 12.18 -22.96 -4.71
C HIS B 203 13.48 -23.71 -5.03
N GLY B 204 14.54 -23.01 -5.42
CA GLY B 204 15.82 -23.61 -5.75
C GLY B 204 16.57 -24.20 -4.58
N ILE B 205 16.51 -23.54 -3.43
CA ILE B 205 17.18 -24.02 -2.21
CA ILE B 205 17.18 -24.02 -2.21
C ILE B 205 16.07 -24.34 -1.22
N GLU B 206 15.80 -25.63 -0.99
CA GLU B 206 14.72 -26.10 -0.12
C GLU B 206 14.75 -25.51 1.30
N GLU B 207 15.92 -25.30 1.93
CA GLU B 207 15.97 -24.71 3.28
C GLU B 207 15.38 -23.29 3.29
N GLU B 208 15.49 -22.56 2.18
CA GLU B 208 14.95 -21.21 2.01
C GLU B 208 13.44 -21.19 1.72
N ARG B 209 12.95 -22.14 0.92
CA ARG B 209 11.51 -22.22 0.63
C ARG B 209 10.73 -22.49 1.94
N GLN B 210 11.30 -23.30 2.84
CA GLN B 210 10.67 -23.63 4.11
C GLN B 210 10.76 -22.46 5.05
N ASP B 211 11.92 -21.77 5.12
CA ASP B 211 12.10 -20.61 5.99
C ASP B 211 11.11 -19.51 5.61
N LEU B 212 10.89 -19.30 4.30
CA LEU B 212 9.97 -18.30 3.78
C LEU B 212 8.51 -18.69 3.98
N THR B 213 8.21 -20.00 3.90
CA THR B 213 6.85 -20.50 4.17
C THR B 213 6.54 -20.27 5.67
N THR B 214 7.51 -20.52 6.55
CA THR B 214 7.34 -20.31 7.99
C THR B 214 7.12 -18.81 8.28
N ALA B 215 7.94 -17.94 7.69
CA ALA B 215 7.82 -16.50 7.85
C ALA B 215 6.45 -16.01 7.35
N LEU B 216 5.97 -16.56 6.21
CA LEU B 216 4.67 -16.17 5.66
C LEU B 216 3.53 -16.46 6.65
N GLY B 217 3.56 -17.64 7.28
CA GLY B 217 2.60 -18.03 8.28
C GLY B 217 2.67 -17.18 9.55
N LEU B 218 3.89 -16.82 9.98
CA LEU B 218 4.13 -15.98 11.16
C LEU B 218 3.52 -14.60 10.98
N VAL B 219 3.70 -13.97 9.80
CA VAL B 219 3.10 -12.66 9.47
C VAL B 219 1.54 -12.73 9.47
N LYS B 220 0.96 -13.78 8.86
CA LYS B 220 -0.50 -13.92 8.82
C LYS B 220 -1.06 -14.08 10.25
N GLU B 221 -0.33 -14.81 11.11
CA GLU B 221 -0.73 -14.99 12.50
CA GLU B 221 -0.75 -14.97 12.50
C GLU B 221 -0.68 -13.64 13.23
N LEU B 222 0.36 -12.82 12.93
CA LEU B 222 0.51 -11.52 13.53
C LEU B 222 -0.64 -10.61 13.10
N LEU B 223 -0.94 -10.56 11.78
CA LEU B 223 -2.03 -9.75 11.27
C LEU B 223 -3.36 -10.13 11.87
N SER B 224 -3.65 -11.42 11.98
CA SER B 224 -4.89 -11.92 12.56
CA SER B 224 -4.89 -11.94 12.56
C SER B 224 -5.02 -11.53 14.03
N ASN B 225 -3.89 -11.45 14.75
CA ASN B 225 -3.85 -11.05 16.16
C ASN B 225 -4.06 -9.53 16.29
N VAL B 226 -3.40 -8.72 15.42
CA VAL B 226 -3.56 -7.25 15.44
C VAL B 226 -5.04 -6.92 15.14
N ASP B 227 -5.59 -7.57 14.11
CA ASP B 227 -6.97 -7.38 13.68
C ASP B 227 -7.98 -7.71 14.80
N GLU B 228 -7.73 -8.81 15.55
CA GLU B 228 -8.61 -9.19 16.66
C GLU B 228 -8.52 -8.21 17.82
N GLY B 229 -7.33 -7.69 18.08
CA GLY B 229 -7.08 -6.75 19.17
C GLY B 229 -7.45 -5.31 18.91
N ILE B 230 -8.04 -5.01 17.75
CA ILE B 230 -8.47 -3.66 17.41
C ILE B 230 -9.89 -3.41 17.87
N TYR B 231 -10.11 -2.22 18.44
CA TYR B 231 -11.41 -1.68 18.75
C TYR B 231 -11.31 -0.17 18.88
N GLN B 232 -11.81 0.51 17.84
CA GLN B 232 -11.86 1.96 17.60
C GLN B 232 -12.18 2.83 18.82
N LEU B 233 -11.22 3.65 19.27
CA LEU B 233 -11.44 4.60 20.37
C LEU B 233 -11.94 5.93 19.79
N GLU B 234 -12.61 6.76 20.61
CA GLU B 234 -13.10 8.06 20.13
C GLU B 234 -12.84 9.20 21.10
N LYS B 235 -12.71 10.42 20.55
CA LYS B 235 -12.44 11.64 21.32
C LYS B 235 -13.68 12.10 22.07
#